data_5NYN
#
_entry.id   5NYN
#
_cell.length_a   46.708
_cell.length_b   52.146
_cell.length_c   59.776
_cell.angle_alpha   90.00
_cell.angle_beta   90.00
_cell.angle_gamma   90.00
#
_symmetry.space_group_name_H-M   'P 21 21 21'
#
loop_
_entity.id
_entity.type
_entity.pdbx_description
1 polymer 'Thioredoxin-like protein 2.1'
2 non-polymer GLUTATHIONE
3 non-polymer 'SULFATE ION'
4 water water
#
_entity_poly.entity_id   1
_entity_poly.type   'polypeptide(L)'
_entity_poly.pdbx_seq_one_letter_code
;MATRPTSVEMEPIDDSHHLDKILLQARELSQPIIIDWMASWCRKCIYLKPKLEKLAAEYDTKIKFYCADVNKVPQALVKR
GNISKMPTIQLWKDGEMKAEVIGGHKAWLVIEEVREMIQKFV
;
_entity_poly.pdbx_strand_id   A
#
# COMPACT_ATOMS: atom_id res chain seq x y z
N ARG A 4 -3.96 18.16 -11.14
CA ARG A 4 -3.37 16.97 -10.55
C ARG A 4 -2.26 17.33 -9.57
N PRO A 5 -2.19 16.71 -8.38
CA PRO A 5 -1.07 17.01 -7.47
C PRO A 5 0.22 16.35 -7.94
N THR A 6 1.37 16.80 -7.42
CA THR A 6 2.67 16.20 -7.73
C THR A 6 2.94 15.01 -6.79
N SER A 7 2.38 15.06 -5.58
CA SER A 7 2.50 14.01 -4.57
C SER A 7 1.19 13.91 -3.80
N VAL A 8 0.78 12.68 -3.37
CA VAL A 8 -0.43 12.50 -2.57
C VAL A 8 0.01 11.70 -1.37
N GLU A 9 -0.33 12.14 -0.16
CA GLU A 9 0.05 11.43 1.05
C GLU A 9 -0.74 10.15 1.20
N MET A 10 -0.07 9.09 1.66
CA MET A 10 -0.79 7.84 1.92
C MET A 10 -1.61 8.02 3.19
N GLU A 11 -2.78 7.40 3.24
CA GLU A 11 -3.67 7.51 4.39
C GLU A 11 -3.42 6.37 5.34
N PRO A 12 -3.14 6.60 6.62
CA PRO A 12 -2.96 5.47 7.55
C PRO A 12 -4.23 4.67 7.78
N ILE A 13 -4.11 3.36 7.95
CA ILE A 13 -5.24 2.49 8.31
C ILE A 13 -5.21 2.34 9.83
N ASP A 14 -6.33 2.61 10.51
CA ASP A 14 -6.35 2.61 11.96
C ASP A 14 -6.42 1.19 12.56
N ASP A 15 -7.30 0.34 11.99
CA ASP A 15 -7.56 -0.98 12.50
C ASP A 15 -8.32 -1.80 11.47
N SER A 16 -8.66 -3.05 11.81
CA SER A 16 -9.38 -3.95 10.91
CA SER A 16 -9.36 -3.94 10.89
C SER A 16 -10.73 -3.38 10.48
N HIS A 17 -11.44 -2.71 11.38
CA HIS A 17 -12.74 -2.12 11.03
C HIS A 17 -12.56 -1.03 9.96
N HIS A 18 -11.48 -0.24 10.06
CA HIS A 18 -11.19 0.81 9.09
C HIS A 18 -10.92 0.15 7.72
N LEU A 19 -10.16 -0.93 7.73
CA LEU A 19 -9.88 -1.66 6.48
C LEU A 19 -11.20 -2.12 5.86
N ASP A 20 -12.12 -2.67 6.70
CA ASP A 20 -13.44 -3.06 6.19
C ASP A 20 -14.13 -1.88 5.49
N LYS A 21 -14.13 -0.70 6.12
CA LYS A 21 -14.78 0.48 5.53
C LYS A 21 -14.06 0.90 4.23
N ILE A 22 -12.74 0.85 4.24
CA ILE A 22 -11.95 1.17 3.04
C ILE A 22 -12.31 0.27 1.86
N LEU A 23 -12.44 -1.03 2.12
CA LEU A 23 -12.74 -2.01 1.08
C LEU A 23 -14.19 -1.86 0.60
N LEU A 24 -15.12 -1.47 1.49
CA LEU A 24 -16.50 -1.23 1.07
C LEU A 24 -16.55 -0.03 0.14
N GLN A 25 -15.80 1.05 0.48
CA GLN A 25 -15.72 2.24 -0.38
C GLN A 25 -15.10 1.91 -1.75
N ALA A 26 -14.02 1.13 -1.76
CA ALA A 26 -13.37 0.71 -3.01
C ALA A 26 -14.34 -0.10 -3.89
N ARG A 27 -15.18 -0.96 -3.27
CA ARG A 27 -16.14 -1.77 -4.00
C ARG A 27 -17.18 -0.86 -4.67
N GLU A 28 -17.67 0.16 -3.95
CA GLU A 28 -18.65 1.10 -4.51
C GLU A 28 -18.13 1.75 -5.78
N LEU A 29 -16.85 2.10 -5.78
CA LEU A 29 -16.20 2.76 -6.92
C LEU A 29 -15.66 1.81 -7.97
N SER A 30 -15.66 0.48 -7.74
CA SER A 30 -15.10 -0.53 -8.62
C SER A 30 -13.61 -0.23 -8.83
N GLN A 31 -12.92 0.17 -7.74
CA GLN A 31 -11.51 0.47 -7.82
C GLN A 31 -10.69 -0.42 -6.94
N PRO A 32 -9.40 -0.62 -7.30
CA PRO A 32 -8.48 -1.27 -6.37
C PRO A 32 -7.99 -0.22 -5.36
N ILE A 33 -7.24 -0.70 -4.35
CA ILE A 33 -6.54 0.17 -3.42
C ILE A 33 -5.12 -0.39 -3.29
N ILE A 34 -4.20 0.44 -2.80
CA ILE A 34 -2.83 -0.01 -2.50
C ILE A 34 -2.62 0.13 -1.02
N ILE A 35 -2.00 -0.87 -0.35
CA ILE A 35 -1.62 -0.74 1.05
C ILE A 35 -0.11 -0.94 1.16
N ASP A 36 0.60 0.02 1.74
CA ASP A 36 2.03 -0.05 2.04
C ASP A 36 2.19 -0.46 3.51
N TRP A 37 2.58 -1.71 3.73
CA TRP A 37 2.80 -2.27 5.07
C TRP A 37 4.25 -2.03 5.41
N MET A 38 4.50 -1.18 6.38
CA MET A 38 5.82 -0.70 6.65
C MET A 38 6.17 -0.69 8.13
N ALA A 39 7.43 -0.41 8.44
CA ALA A 39 7.91 -0.25 9.79
C ALA A 39 8.82 0.96 9.86
N SER A 40 8.79 1.71 10.97
CA SER A 40 9.55 2.95 11.06
C SER A 40 11.04 2.76 11.22
N TRP A 41 11.48 1.55 11.59
CA TRP A 41 12.89 1.21 11.72
C TRP A 41 13.47 0.65 10.42
N CYS A 42 12.62 0.40 9.41
CA CYS A 42 13.01 -0.24 8.17
C CYS A 42 13.49 0.84 7.22
N ARG A 43 14.77 0.86 6.94
N ARG A 43 14.80 0.86 6.95
CA ARG A 43 15.34 1.93 6.11
CA ARG A 43 15.46 1.84 6.07
C ARG A 43 14.73 1.97 4.71
C ARG A 43 14.75 1.95 4.73
N LYS A 44 14.55 0.80 4.08
CA LYS A 44 13.95 0.76 2.76
C LYS A 44 12.52 1.22 2.75
N CYS A 45 11.77 1.02 3.84
CA CYS A 45 10.38 1.54 3.93
C CYS A 45 10.43 3.04 3.91
N ILE A 46 11.28 3.61 4.74
CA ILE A 46 11.38 5.07 4.83
C ILE A 46 11.79 5.70 3.51
N TYR A 47 12.79 5.12 2.83
CA TYR A 47 13.22 5.72 1.57
C TYR A 47 12.20 5.55 0.45
N LEU A 48 11.33 4.55 0.56
CA LEU A 48 10.30 4.32 -0.45
C LEU A 48 9.15 5.32 -0.37
N LYS A 49 8.89 5.85 0.83
CA LYS A 49 7.73 6.71 1.05
C LYS A 49 7.57 7.83 0.02
N PRO A 50 8.55 8.71 -0.19
CA PRO A 50 8.35 9.82 -1.16
C PRO A 50 8.05 9.34 -2.57
N LYS A 51 8.66 8.22 -3.00
CA LYS A 51 8.43 7.64 -4.31
C LYS A 51 7.03 7.05 -4.43
N LEU A 52 6.50 6.39 -3.36
CA LEU A 52 5.10 5.92 -3.36
C LEU A 52 4.12 7.09 -3.42
N GLU A 53 4.42 8.21 -2.76
CA GLU A 53 3.52 9.37 -2.78
C GLU A 53 3.49 10.01 -4.16
N LYS A 54 4.60 9.97 -4.92
CA LYS A 54 4.58 10.45 -6.31
C LYS A 54 3.78 9.50 -7.19
N LEU A 55 3.91 8.18 -6.99
CA LEU A 55 3.12 7.21 -7.72
C LEU A 55 1.62 7.38 -7.40
N ALA A 56 1.27 7.66 -6.14
CA ALA A 56 -0.13 7.87 -5.74
C ALA A 56 -0.72 9.07 -6.48
N ALA A 57 0.06 10.11 -6.66
CA ALA A 57 -0.41 11.27 -7.42
C ALA A 57 -0.71 10.91 -8.90
N GLU A 58 0.10 10.03 -9.50
CA GLU A 58 -0.16 9.57 -10.86
C GLU A 58 -1.52 8.88 -11.01
N TYR A 59 -2.03 8.25 -9.95
CA TYR A 59 -3.30 7.55 -9.93
C TYR A 59 -4.37 8.27 -9.12
N ASP A 60 -4.22 9.59 -8.93
CA ASP A 60 -5.17 10.41 -8.18
C ASP A 60 -6.55 10.27 -8.78
N THR A 61 -7.56 10.00 -7.92
CA THR A 61 -8.97 9.74 -8.27
C THR A 61 -9.21 8.33 -8.88
N LYS A 62 -8.16 7.53 -9.16
CA LYS A 62 -8.34 6.20 -9.75
C LYS A 62 -8.03 5.05 -8.77
N ILE A 63 -7.08 5.28 -7.86
CA ILE A 63 -6.65 4.27 -6.90
C ILE A 63 -6.25 5.00 -5.63
N LYS A 64 -6.83 4.66 -4.49
CA LYS A 64 -6.44 5.27 -3.21
C LYS A 64 -5.30 4.48 -2.62
N PHE A 65 -4.30 5.18 -2.03
CA PHE A 65 -3.14 4.57 -1.41
C PHE A 65 -3.21 4.76 0.09
N TYR A 66 -2.98 3.68 0.83
CA TYR A 66 -2.97 3.64 2.27
C TYR A 66 -1.66 3.08 2.80
N CYS A 67 -1.39 3.31 4.06
CA CYS A 67 -0.20 2.73 4.69
C CYS A 67 -0.60 2.17 6.08
N ALA A 68 0.20 1.26 6.58
CA ALA A 68 -0.01 0.76 7.94
C ALA A 68 1.35 0.45 8.53
N ASP A 69 1.65 1.03 9.68
CA ASP A 69 2.90 0.76 10.42
C ASP A 69 2.66 -0.50 11.25
N VAL A 70 3.29 -1.59 10.89
CA VAL A 70 3.05 -2.92 11.50
C VAL A 70 3.35 -3.01 13.02
N ASN A 71 4.16 -2.11 13.57
CA ASN A 71 4.40 -2.12 15.01
C ASN A 71 3.38 -1.25 15.73
N LYS A 72 2.72 -0.31 15.04
CA LYS A 72 1.75 0.57 15.70
C LYS A 72 0.33 0.09 15.63
N VAL A 73 -0.06 -0.51 14.51
CA VAL A 73 -1.45 -0.93 14.32
C VAL A 73 -1.76 -2.19 15.09
N PRO A 74 -3.06 -2.51 15.32
CA PRO A 74 -3.38 -3.74 16.03
C PRO A 74 -2.90 -4.98 15.29
N GLN A 75 -2.50 -6.01 16.04
CA GLN A 75 -2.06 -7.28 15.46
C GLN A 75 -3.13 -7.88 14.51
N ALA A 76 -4.43 -7.72 14.83
CA ALA A 76 -5.49 -8.27 13.99
C ALA A 76 -5.48 -7.67 12.59
N LEU A 77 -5.14 -6.41 12.48
CA LEU A 77 -5.03 -5.76 11.16
C LEU A 77 -3.85 -6.32 10.38
N VAL A 78 -2.70 -6.48 11.04
CA VAL A 78 -1.53 -7.05 10.34
C VAL A 78 -1.83 -8.45 9.84
N LYS A 79 -2.61 -9.23 10.61
CA LYS A 79 -3.00 -10.59 10.21
C LYS A 79 -3.84 -10.56 8.94
N ARG A 80 -4.65 -9.52 8.71
CA ARG A 80 -5.47 -9.37 7.46
C ARG A 80 -4.56 -9.33 6.24
N GLY A 81 -3.43 -8.70 6.38
CA GLY A 81 -2.46 -8.60 5.30
C GLY A 81 -1.62 -9.83 5.10
N ASN A 82 -1.46 -10.67 6.15
CA ASN A 82 -0.61 -11.85 6.11
C ASN A 82 0.81 -11.41 5.78
N ILE A 83 1.29 -10.44 6.54
CA ILE A 83 2.61 -9.83 6.31
C ILE A 83 3.70 -10.66 6.97
N SER A 84 4.83 -10.80 6.26
CA SER A 84 6.05 -11.46 6.79
C SER A 84 7.35 -10.70 6.54
N LYS A 85 7.33 -9.63 5.71
CA LYS A 85 8.50 -8.86 5.37
C LYS A 85 8.07 -7.44 5.14
N MET A 86 8.98 -6.48 5.28
CA MET A 86 8.63 -5.09 4.97
C MET A 86 9.69 -4.47 4.10
N PRO A 87 9.30 -3.50 3.24
CA PRO A 87 7.92 -3.13 2.92
C PRO A 87 7.23 -4.16 2.08
N THR A 88 5.93 -4.34 2.30
CA THR A 88 5.12 -5.19 1.45
C THR A 88 4.05 -4.23 0.89
N ILE A 89 3.97 -4.09 -0.44
CA ILE A 89 3.02 -3.21 -1.08
C ILE A 89 1.97 -4.10 -1.70
N GLN A 90 0.72 -4.07 -1.20
CA GLN A 90 -0.33 -4.91 -1.71
C GLN A 90 -1.35 -4.18 -2.50
N LEU A 91 -1.88 -4.85 -3.52
CA LEU A 91 -3.04 -4.32 -4.26
C LEU A 91 -4.25 -5.16 -3.83
N TRP A 92 -5.28 -4.49 -3.34
CA TRP A 92 -6.52 -5.14 -2.97
C TRP A 92 -7.62 -4.69 -3.92
N LYS A 93 -8.58 -5.56 -4.19
CA LYS A 93 -9.74 -5.24 -5.04
C LYS A 93 -10.81 -6.25 -4.71
N ASP A 94 -12.07 -5.88 -4.80
CA ASP A 94 -13.18 -6.82 -4.51
C ASP A 94 -13.03 -7.46 -3.13
N GLY A 95 -12.66 -6.64 -2.14
CA GLY A 95 -12.52 -7.07 -0.76
C GLY A 95 -11.36 -7.99 -0.40
N GLU A 96 -10.40 -8.22 -1.31
CA GLU A 96 -9.31 -9.14 -0.99
C GLU A 96 -7.99 -8.74 -1.61
N MET A 97 -6.88 -9.29 -1.07
CA MET A 97 -5.53 -9.02 -1.61
C MET A 97 -5.43 -9.76 -2.92
N LYS A 98 -5.14 -9.05 -3.98
CA LYS A 98 -4.99 -9.64 -5.30
C LYS A 98 -3.54 -9.95 -5.64
N ALA A 99 -2.59 -9.10 -5.20
CA ALA A 99 -1.18 -9.29 -5.52
C ALA A 99 -0.35 -8.42 -4.61
N GLU A 100 0.93 -8.69 -4.52
CA GLU A 100 1.80 -7.88 -3.70
C GLU A 100 3.19 -7.80 -4.27
N VAL A 101 3.94 -6.83 -3.78
CA VAL A 101 5.34 -6.62 -4.10
C VAL A 101 6.10 -6.49 -2.80
N ILE A 102 7.21 -7.22 -2.65
CA ILE A 102 8.08 -7.11 -1.48
C ILE A 102 9.22 -6.18 -1.89
N GLY A 103 9.51 -5.20 -1.02
N GLY A 103 9.30 -5.01 -1.27
CA GLY A 103 10.64 -4.30 -1.20
CA GLY A 103 10.25 -3.99 -1.66
C GLY A 103 11.90 -4.92 -0.64
C GLY A 103 11.65 -4.06 -1.07
N GLY A 104 12.90 -4.10 -0.40
N GLY A 104 12.39 -5.11 -1.39
CA GLY A 104 14.23 -4.57 -0.03
CA GLY A 104 13.75 -5.28 -0.91
C GLY A 104 15.17 -4.40 -1.22
C GLY A 104 14.81 -4.43 -1.61
N HIS A 105 14.88 -3.44 -2.11
N HIS A 105 14.49 -3.92 -2.80
CA HIS A 105 15.67 -3.10 -3.30
CA HIS A 105 15.42 -3.22 -3.70
C HIS A 105 15.70 -1.58 -3.34
C HIS A 105 15.40 -1.67 -3.60
N LYS A 106 16.26 -1.00 -4.41
CA LYS A 106 16.26 0.45 -4.59
C LYS A 106 14.82 0.88 -4.83
N ALA A 107 14.42 2.01 -4.23
CA ALA A 107 13.05 2.44 -4.27
C ALA A 107 12.50 2.58 -5.70
N TRP A 108 13.28 3.15 -6.64
CA TRP A 108 12.72 3.32 -7.99
C TRP A 108 12.32 2.00 -8.62
N LEU A 109 13.07 0.96 -8.31
CA LEU A 109 12.86 -0.35 -8.90
C LEU A 109 11.67 -1.05 -8.24
N VAL A 110 11.44 -0.79 -6.94
CA VAL A 110 10.24 -1.27 -6.25
C VAL A 110 9.04 -0.60 -6.91
N ILE A 111 9.11 0.72 -7.14
CA ILE A 111 7.99 1.44 -7.75
C ILE A 111 7.66 0.87 -9.13
N GLU A 112 8.67 0.56 -9.95
CA GLU A 112 8.37 0.04 -11.27
C GLU A 112 7.65 -1.28 -11.18
N GLU A 113 8.01 -2.13 -10.21
CA GLU A 113 7.30 -3.40 -10.02
C GLU A 113 5.86 -3.19 -9.53
N VAL A 114 5.68 -2.21 -8.64
CA VAL A 114 4.34 -1.85 -8.16
C VAL A 114 3.50 -1.33 -9.30
N ARG A 115 4.06 -0.49 -10.15
CA ARG A 115 3.35 0.03 -11.32
C ARG A 115 2.88 -1.13 -12.22
N GLU A 116 3.74 -2.11 -12.45
CA GLU A 116 3.37 -3.27 -13.26
C GLU A 116 2.19 -4.04 -12.65
N MET A 117 2.18 -4.18 -11.32
CA MET A 117 1.09 -4.81 -10.59
C MET A 117 -0.20 -4.00 -10.77
N ILE A 118 -0.13 -2.68 -10.58
CA ILE A 118 -1.29 -1.82 -10.73
C ILE A 118 -1.86 -1.98 -12.12
N GLN A 119 -1.01 -1.94 -13.14
CA GLN A 119 -1.53 -1.97 -14.52
C GLN A 119 -2.27 -3.23 -14.87
N LYS A 120 -1.98 -4.36 -14.18
CA LYS A 120 -2.68 -5.62 -14.38
C LYS A 120 -4.12 -5.57 -13.85
N PHE A 121 -4.34 -4.90 -12.71
CA PHE A 121 -5.63 -4.90 -11.99
C PHE A 121 -6.48 -3.68 -12.09
N VAL A 122 -5.95 -2.53 -12.48
CA VAL A 122 -6.75 -1.31 -12.53
C VAL A 122 -7.81 -1.38 -13.66
#